data_6M1S
#
_entry.id   6M1S
#
_cell.length_a   107.694
_cell.length_b   46.928
_cell.length_c   89.862
_cell.angle_alpha   90.000
_cell.angle_beta   90.000
_cell.angle_gamma   90.000
#
_symmetry.space_group_name_H-M   'P 21 21 2'
#
loop_
_entity.id
_entity.type
_entity.pdbx_description
1 polymer 'DNA gyrase subunit B'
2 non-polymer '3-[5-[8-(ethylamino)-6-fluoranyl-4-[3-(trifluoromethyl)pyrazol-1-yl]-9H-pyrido[2,3-b]indol-3-yl]pyrimidin-2-yl]oxy-2,2-dimethyl-propanoic acid'
3 non-polymer 'SULFATE ION'
4 non-polymer 'CHLORIDE ION'
5 water water
#
_entity_poly.entity_id   1
_entity_poly.type   'polypeptide(L)'
_entity_poly.pdbx_seq_one_letter_code
;MGLDAVRKRPGMYIGDTDDGTGLHHMVFEVVDNSIDEALAGYCSEISITIHTDESITVRDNGRGIPVDIHKEEGVSAAEV
IMTVLHAGGKFDDNTYKVSGGLHGVGVSVVNALSHELRLTIRRHNKVWEQVYHHGVPQFPLREVGETDGSGTEVHFKPSP
ETFSNIHFSWDILAKRIRELSFLNSGVGILLRDERTGKEELFKYEGLEHHHHHH
;
_entity_poly.pdbx_strand_id   A,B
#
loop_
_chem_comp.id
_chem_comp.type
_chem_comp.name
_chem_comp.formula
CL non-polymer 'CHLORIDE ION' 'Cl -1'
EZ9 non-polymer '3-[5-[8-(ethylamino)-6-fluoranyl-4-[3-(trifluoromethyl)pyrazol-1-yl]-9H-pyrido[2,3-b]indol-3-yl]pyrimidin-2-yl]oxy-2,2-dimethyl-propanoic acid' 'C26 H23 F4 N7 O3'
SO4 non-polymer 'SULFATE ION' 'O4 S -2'
#
# COMPACT_ATOMS: atom_id res chain seq x y z
N GLY A 2 -32.51 9.20 -11.44
CA GLY A 2 -31.71 8.22 -12.17
C GLY A 2 -30.34 8.72 -12.61
N LEU A 3 -29.44 7.77 -12.85
CA LEU A 3 -28.05 8.05 -13.19
C LEU A 3 -27.90 8.57 -14.62
N ASP A 4 -28.92 8.33 -15.43
CA ASP A 4 -28.92 8.76 -16.82
C ASP A 4 -28.67 10.26 -16.94
N ALA A 5 -29.28 11.04 -16.05
CA ALA A 5 -29.13 12.49 -16.07
C ALA A 5 -27.72 12.90 -15.67
N VAL A 6 -27.15 12.15 -14.73
CA VAL A 6 -25.82 12.47 -14.23
C VAL A 6 -24.79 12.33 -15.34
N ARG A 7 -24.92 11.27 -16.13
CA ARG A 7 -24.03 11.00 -17.25
C ARG A 7 -24.28 12.01 -18.36
N LYS A 8 -25.51 12.53 -18.44
CA LYS A 8 -25.86 13.48 -19.49
C LYS A 8 -25.35 14.90 -19.23
N ARG A 9 -25.33 15.32 -17.96
CA ARG A 9 -24.80 16.62 -17.61
C ARG A 9 -23.96 16.57 -16.33
N PRO A 10 -22.75 15.97 -16.44
CA PRO A 10 -21.88 15.61 -15.31
C PRO A 10 -21.34 16.77 -14.49
N GLY A 11 -21.04 17.90 -15.12
CA GLY A 11 -20.43 19.01 -14.41
C GLY A 11 -21.34 19.54 -13.34
N MET A 12 -22.63 19.41 -13.60
CA MET A 12 -23.68 19.80 -12.69
C MET A 12 -23.58 19.05 -11.35
N TYR A 13 -23.05 17.82 -11.38
CA TYR A 13 -23.00 16.98 -10.19
C TYR A 13 -21.60 16.79 -9.58
N ILE A 14 -20.58 16.70 -10.43
CA ILE A 14 -19.25 16.36 -9.93
C ILE A 14 -18.30 17.56 -9.91
N GLY A 15 -18.60 18.55 -10.73
CA GLY A 15 -17.70 19.68 -10.92
C GLY A 15 -17.18 19.67 -12.34
N ASP A 16 -16.38 20.68 -12.69
CA ASP A 16 -15.83 20.81 -14.04
C ASP A 16 -15.03 19.56 -14.45
N THR A 17 -15.41 18.98 -15.58
CA THR A 17 -14.85 17.69 -15.99
C THR A 17 -13.63 17.81 -16.89
N ASP A 18 -13.12 19.03 -17.09
CA ASP A 18 -11.96 19.18 -17.97
C ASP A 18 -10.72 19.70 -17.25
N ASP A 19 -10.90 20.42 -16.15
CA ASP A 19 -9.76 21.08 -15.49
C ASP A 19 -9.19 20.34 -14.29
N GLY A 20 -9.63 19.11 -14.05
CA GLY A 20 -9.16 18.33 -12.92
C GLY A 20 -9.96 18.48 -11.63
N THR A 21 -10.81 19.48 -11.56
CA THR A 21 -11.59 19.74 -10.35
C THR A 21 -12.57 18.59 -10.15
N GLY A 22 -13.40 18.36 -11.15
CA GLY A 22 -14.36 17.27 -11.09
C GLY A 22 -13.70 15.93 -10.90
N LEU A 23 -12.58 15.72 -11.57
CA LEU A 23 -11.85 14.45 -11.52
C LEU A 23 -11.39 14.15 -10.12
N HIS A 24 -10.86 15.16 -9.43
CA HIS A 24 -10.36 14.96 -8.09
C HIS A 24 -11.51 14.84 -7.07
N HIS A 25 -12.60 15.55 -7.32
N HIS A 25 -12.60 15.55 -7.33
CA HIS A 25 -13.77 15.40 -6.49
CA HIS A 25 -13.81 15.41 -6.52
C HIS A 25 -14.26 13.93 -6.42
C HIS A 25 -14.21 13.92 -6.41
N MET A 26 -14.04 13.16 -7.48
CA MET A 26 -14.44 11.75 -7.48
C MET A 26 -13.78 10.97 -6.35
N VAL A 27 -12.51 11.28 -6.10
CA VAL A 27 -11.76 10.59 -5.09
C VAL A 27 -12.34 10.91 -3.71
N PHE A 28 -12.56 12.19 -3.46
CA PHE A 28 -13.02 12.63 -2.16
C PHE A 28 -14.50 12.38 -1.98
N GLU A 29 -15.22 12.15 -3.06
CA GLU A 29 -16.60 11.70 -2.93
C GLU A 29 -16.63 10.32 -2.29
N VAL A 30 -15.69 9.45 -2.67
CA VAL A 30 -15.58 8.12 -2.09
C VAL A 30 -15.07 8.19 -0.65
N VAL A 31 -13.95 8.90 -0.47
CA VAL A 31 -13.25 9.04 0.82
C VAL A 31 -14.15 9.57 1.93
N ASP A 32 -15.06 10.47 1.58
CA ASP A 32 -15.93 11.06 2.58
C ASP A 32 -16.81 10.02 3.30
N ASN A 33 -17.23 8.96 2.60
CA ASN A 33 -17.98 7.88 3.29
C ASN A 33 -17.13 7.20 4.36
N SER A 34 -15.87 6.94 4.04
CA SER A 34 -14.97 6.41 5.06
C SER A 34 -14.79 7.41 6.21
N ILE A 35 -14.85 8.71 5.91
CA ILE A 35 -14.68 9.69 6.96
C ILE A 35 -15.91 9.70 7.87
N ASP A 36 -17.09 9.63 7.26
CA ASP A 36 -18.35 9.50 8.01
C ASP A 36 -18.27 8.32 8.97
N GLU A 37 -17.72 7.20 8.48
CA GLU A 37 -17.58 6.01 9.32
C GLU A 37 -16.60 6.26 10.45
N ALA A 38 -15.60 7.10 10.19
CA ALA A 38 -14.66 7.48 11.23
C ALA A 38 -15.33 8.36 12.30
N LEU A 39 -16.13 9.34 11.84
CA LEU A 39 -16.90 10.18 12.76
C LEU A 39 -17.87 9.38 13.64
N ALA A 40 -18.39 8.28 13.09
CA ALA A 40 -19.25 7.39 13.85
C ALA A 40 -18.40 6.61 14.86
N GLY A 41 -17.14 6.33 14.52
CA GLY A 41 -16.22 5.72 15.46
C GLY A 41 -15.75 4.32 15.09
N TYR A 42 -15.97 3.92 13.84
CA TYR A 42 -15.64 2.55 13.43
C TYR A 42 -14.56 2.44 12.34
N CYS A 43 -13.93 3.56 11.97
CA CYS A 43 -12.91 3.52 10.93
C CYS A 43 -11.70 4.29 11.41
N SER A 44 -10.53 3.66 11.37
CA SER A 44 -9.31 4.33 11.83
C SER A 44 -8.29 4.45 10.72
N GLU A 45 -8.52 3.74 9.63
CA GLU A 45 -7.51 3.64 8.57
C GLU A 45 -8.12 3.70 7.19
N ILE A 46 -7.58 4.59 6.36
CA ILE A 46 -8.00 4.75 4.97
C ILE A 46 -6.77 4.69 4.09
N SER A 47 -6.85 4.03 2.94
CA SER A 47 -5.73 4.06 2.01
C SER A 47 -6.24 4.40 0.62
N ILE A 48 -5.50 5.27 -0.06
CA ILE A 48 -5.84 5.73 -1.41
C ILE A 48 -4.67 5.44 -2.33
N THR A 49 -4.95 4.69 -3.39
CA THR A 49 -3.89 4.27 -4.29
C THR A 49 -4.17 4.79 -5.69
N ILE A 50 -3.17 5.44 -6.28
CA ILE A 50 -3.23 5.91 -7.66
C ILE A 50 -2.51 4.89 -8.51
N HIS A 51 -3.24 4.30 -9.46
CA HIS A 51 -2.70 3.23 -10.29
C HIS A 51 -2.08 3.72 -11.60
N THR A 52 -1.22 2.89 -12.17
CA THR A 52 -0.52 3.20 -13.41
C THR A 52 -1.49 3.51 -14.56
N ASP A 53 -2.70 2.97 -14.51
CA ASP A 53 -3.69 3.21 -15.57
C ASP A 53 -4.62 4.37 -15.27
N GLU A 54 -4.24 5.18 -14.28
CA GLU A 54 -5.04 6.33 -13.83
C GLU A 54 -6.40 5.88 -13.26
N SER A 55 -6.43 4.70 -12.64
CA SER A 55 -7.57 4.31 -11.84
C SER A 55 -7.25 4.52 -10.35
N ILE A 56 -8.28 4.49 -9.51
CA ILE A 56 -8.12 4.80 -8.11
C ILE A 56 -8.72 3.71 -7.24
N THR A 57 -7.98 3.34 -6.21
CA THR A 57 -8.50 2.46 -5.18
C THR A 57 -8.61 3.14 -3.84
N VAL A 58 -9.81 3.14 -3.27
CA VAL A 58 -9.96 3.55 -1.89
C VAL A 58 -10.37 2.38 -1.02
N ARG A 59 -9.78 2.31 0.17
CA ARG A 59 -10.02 1.20 1.07
C ARG A 59 -10.06 1.75 2.48
N ASP A 60 -11.07 1.35 3.25
CA ASP A 60 -11.08 1.71 4.66
C ASP A 60 -11.15 0.45 5.54
N ASN A 61 -11.10 0.62 6.85
CA ASN A 61 -11.18 -0.53 7.75
C ASN A 61 -12.43 -0.48 8.63
N GLY A 62 -13.52 0.06 8.10
CA GLY A 62 -14.76 0.21 8.88
C GLY A 62 -15.53 -1.10 9.02
N ARG A 63 -16.84 -1.01 9.23
CA ARG A 63 -17.70 -2.18 9.47
C ARG A 63 -18.08 -2.90 8.19
N GLY A 64 -17.80 -2.29 7.05
CA GLY A 64 -18.27 -2.80 5.78
C GLY A 64 -19.69 -2.34 5.53
N ILE A 65 -20.00 -2.07 4.27
CA ILE A 65 -21.36 -1.71 3.86
C ILE A 65 -22.25 -2.92 4.12
N PRO A 66 -23.43 -2.70 4.70
CA PRO A 66 -24.33 -3.84 4.94
C PRO A 66 -24.70 -4.55 3.63
N VAL A 67 -24.75 -5.88 3.65
CA VAL A 67 -24.94 -6.62 2.40
C VAL A 67 -26.24 -7.38 2.25
N ASP A 68 -27.00 -7.52 3.35
CA ASP A 68 -28.28 -8.23 3.31
C ASP A 68 -29.19 -7.60 2.25
N ILE A 69 -30.17 -8.38 1.83
CA ILE A 69 -31.08 -8.00 0.77
C ILE A 69 -32.01 -6.86 1.19
N HIS A 70 -32.02 -5.83 0.35
CA HIS A 70 -32.82 -4.64 0.60
C HIS A 70 -34.10 -4.83 -0.18
N LYS A 71 -35.24 -4.96 0.50
CA LYS A 71 -36.47 -5.35 -0.20
C LYS A 71 -37.29 -4.32 -0.96
N GLU A 72 -36.97 -3.05 -0.84
CA GLU A 72 -37.73 -2.09 -1.62
C GLU A 72 -37.11 -2.09 -3.02
N GLU A 73 -35.94 -2.74 -3.13
CA GLU A 73 -35.17 -2.88 -4.37
C GLU A 73 -35.07 -4.32 -4.85
N GLY A 74 -34.95 -5.24 -3.90
CA GLY A 74 -34.74 -6.65 -4.19
C GLY A 74 -33.27 -7.04 -4.23
N VAL A 75 -32.39 -6.05 -4.12
CA VAL A 75 -30.96 -6.30 -4.24
C VAL A 75 -30.20 -5.89 -2.97
N SER A 76 -28.97 -6.36 -2.84
CA SER A 76 -28.12 -6.04 -1.70
C SER A 76 -28.05 -4.53 -1.52
N ALA A 77 -28.16 -4.11 -0.27
CA ALA A 77 -28.16 -2.70 0.11
C ALA A 77 -26.96 -2.00 -0.50
N ALA A 78 -25.85 -2.73 -0.55
CA ALA A 78 -24.64 -2.22 -1.19
C ALA A 78 -24.91 -1.79 -2.62
N GLU A 79 -25.58 -2.63 -3.40
CA GLU A 79 -25.85 -2.35 -4.80
C GLU A 79 -26.74 -1.13 -4.91
N VAL A 80 -27.69 -1.04 -3.99
CA VAL A 80 -28.60 0.08 -3.92
C VAL A 80 -27.78 1.38 -3.80
N ILE A 81 -26.89 1.42 -2.82
CA ILE A 81 -26.10 2.62 -2.53
C ILE A 81 -25.17 3.02 -3.68
N MET A 82 -24.76 2.03 -4.47
CA MET A 82 -23.85 2.26 -5.59
C MET A 82 -24.57 2.73 -6.87
N THR A 83 -25.89 2.56 -6.90
CA THR A 83 -26.65 2.68 -8.15
C THR A 83 -27.82 3.65 -8.07
N VAL A 84 -28.26 3.97 -6.86
CA VAL A 84 -29.37 4.90 -6.70
C VAL A 84 -29.00 6.05 -5.79
N LEU A 85 -29.34 7.27 -6.18
CA LEU A 85 -29.29 8.38 -5.23
C LEU A 85 -30.52 9.22 -5.52
N HIS A 86 -30.64 10.38 -4.89
CA HIS A 86 -31.84 11.21 -5.00
C HIS A 86 -31.61 12.60 -4.43
N VAL A 105 -22.78 15.35 -2.98
CA VAL A 105 -23.04 14.28 -3.94
C VAL A 105 -22.82 12.91 -3.28
N GLY A 106 -23.43 11.87 -3.85
CA GLY A 106 -23.25 10.52 -3.34
C GLY A 106 -22.24 9.72 -4.13
N VAL A 107 -22.08 8.45 -3.77
CA VAL A 107 -21.07 7.61 -4.39
C VAL A 107 -21.64 7.01 -5.65
N SER A 108 -22.91 7.30 -5.90
CA SER A 108 -23.56 6.77 -7.08
C SER A 108 -23.09 7.62 -8.25
N VAL A 109 -22.84 8.89 -7.97
CA VAL A 109 -22.33 9.84 -8.98
C VAL A 109 -21.01 9.34 -9.52
N VAL A 110 -20.13 8.94 -8.62
CA VAL A 110 -18.84 8.35 -8.97
C VAL A 110 -19.03 7.10 -9.83
N ASN A 111 -19.94 6.24 -9.42
CA ASN A 111 -20.23 5.01 -10.15
C ASN A 111 -20.73 5.30 -11.56
N ALA A 112 -21.67 6.22 -11.67
CA ALA A 112 -22.22 6.60 -12.97
C ALA A 112 -21.13 7.08 -13.92
N LEU A 113 -20.20 7.86 -13.39
CA LEU A 113 -19.16 8.49 -14.20
C LEU A 113 -17.91 7.62 -14.30
N SER A 114 -18.01 6.35 -13.93
CA SER A 114 -16.87 5.46 -14.00
C SER A 114 -17.02 4.41 -15.10
N HIS A 115 -15.97 4.26 -15.90
CA HIS A 115 -15.92 3.21 -16.92
C HIS A 115 -16.08 1.84 -16.28
N GLU A 116 -15.23 1.54 -15.30
CA GLU A 116 -15.35 0.30 -14.55
C GLU A 116 -15.19 0.63 -13.07
N LEU A 117 -15.96 -0.07 -12.23
CA LEU A 117 -15.84 0.11 -10.79
C LEU A 117 -16.07 -1.21 -10.06
N ARG A 118 -15.11 -1.57 -9.21
CA ARG A 118 -15.23 -2.77 -8.39
C ARG A 118 -15.43 -2.43 -6.93
N LEU A 119 -16.49 -2.99 -6.35
CA LEU A 119 -16.76 -2.84 -4.92
C LEU A 119 -16.39 -4.11 -4.19
N THR A 120 -15.67 -4.00 -3.08
CA THR A 120 -15.37 -5.20 -2.29
C THR A 120 -15.67 -4.91 -0.82
N ILE A 121 -16.48 -5.78 -0.20
CA ILE A 121 -16.84 -5.61 1.19
C ILE A 121 -16.34 -6.76 2.04
N ARG A 122 -15.72 -6.43 3.15
CA ARG A 122 -15.34 -7.43 4.10
C ARG A 122 -16.24 -7.30 5.32
N ARG A 123 -17.10 -8.29 5.54
CA ARG A 123 -18.11 -8.20 6.58
C ARG A 123 -18.60 -9.59 6.96
N HIS A 124 -18.77 -9.80 8.26
CA HIS A 124 -19.19 -11.08 8.81
C HIS A 124 -18.20 -12.16 8.38
N ASN A 125 -16.90 -11.80 8.38
CA ASN A 125 -15.80 -12.74 8.02
C ASN A 125 -15.87 -13.23 6.59
N LYS A 126 -16.65 -12.56 5.76
CA LYS A 126 -16.81 -12.95 4.37
C LYS A 126 -16.38 -11.81 3.47
N VAL A 127 -16.00 -12.15 2.26
CA VAL A 127 -15.64 -11.19 1.26
C VAL A 127 -16.73 -11.19 0.19
N TRP A 128 -17.26 -10.00 -0.08
CA TRP A 128 -18.30 -9.79 -1.09
C TRP A 128 -17.79 -8.83 -2.16
N GLU A 129 -18.13 -9.10 -3.42
CA GLU A 129 -17.87 -8.12 -4.46
C GLU A 129 -18.98 -7.98 -5.49
N GLN A 130 -18.89 -6.88 -6.24
CA GLN A 130 -19.80 -6.57 -7.33
C GLN A 130 -19.05 -5.65 -8.31
N VAL A 131 -19.27 -5.82 -9.61
CA VAL A 131 -18.60 -4.99 -10.61
C VAL A 131 -19.63 -4.21 -11.41
N TYR A 132 -19.33 -2.96 -11.70
CA TYR A 132 -20.22 -2.11 -12.48
C TYR A 132 -19.52 -1.61 -13.74
N HIS A 133 -20.31 -1.33 -14.76
CA HIS A 133 -19.84 -0.69 -15.97
C HIS A 133 -20.73 0.53 -16.13
N HIS A 134 -20.13 1.72 -16.08
CA HIS A 134 -20.87 2.98 -16.15
C HIS A 134 -22.06 3.01 -15.20
N GLY A 135 -21.87 2.46 -14.00
CA GLY A 135 -22.90 2.44 -12.98
C GLY A 135 -23.89 1.29 -13.09
N VAL A 136 -23.67 0.39 -14.04
CA VAL A 136 -24.57 -0.75 -14.25
C VAL A 136 -23.97 -2.05 -13.76
N PRO A 137 -24.62 -2.68 -12.77
CA PRO A 137 -24.20 -3.93 -12.13
C PRO A 137 -23.99 -5.05 -13.13
N GLN A 138 -22.89 -5.78 -13.01
CA GLN A 138 -22.59 -6.86 -13.94
C GLN A 138 -23.01 -8.18 -13.31
N PHE A 139 -23.15 -8.19 -12.00
CA PHE A 139 -23.72 -9.33 -11.29
C PHE A 139 -24.15 -8.88 -9.91
N PRO A 140 -25.13 -9.56 -9.29
CA PRO A 140 -25.48 -9.09 -7.95
C PRO A 140 -24.35 -9.36 -6.96
N LEU A 141 -24.36 -8.67 -5.83
CA LEU A 141 -23.31 -8.82 -4.84
C LEU A 141 -23.15 -10.29 -4.51
N ARG A 142 -21.95 -10.81 -4.72
CA ARG A 142 -21.71 -12.24 -4.53
C ARG A 142 -20.57 -12.43 -3.53
N GLU A 143 -20.61 -13.54 -2.79
CA GLU A 143 -19.63 -13.88 -1.78
C GLU A 143 -18.46 -14.64 -2.41
N VAL A 144 -17.23 -14.17 -2.20
CA VAL A 144 -16.12 -14.77 -2.94
C VAL A 144 -14.95 -15.22 -2.07
N GLY A 145 -15.13 -15.20 -0.76
CA GLY A 145 -14.09 -15.69 0.13
C GLY A 145 -14.27 -15.42 1.60
N GLU A 146 -13.34 -15.93 2.39
CA GLU A 146 -13.39 -15.74 3.83
C GLU A 146 -12.34 -14.69 4.18
N THR A 147 -12.54 -14.02 5.31
CA THR A 147 -11.60 -13.00 5.73
C THR A 147 -11.63 -12.81 7.23
N ASP A 148 -10.59 -12.19 7.76
CA ASP A 148 -10.52 -11.87 9.16
C ASP A 148 -10.59 -10.36 9.34
N GLY A 149 -10.48 -9.66 8.23
CA GLY A 149 -10.55 -8.21 8.28
C GLY A 149 -11.98 -7.77 8.07
N SER A 150 -12.18 -6.45 8.12
CA SER A 150 -13.44 -5.86 7.71
C SER A 150 -13.09 -4.53 7.11
N GLY A 151 -14.05 -3.97 6.39
CA GLY A 151 -13.92 -2.67 5.78
C GLY A 151 -14.48 -2.73 4.39
N THR A 152 -14.42 -1.61 3.69
CA THR A 152 -14.92 -1.47 2.32
C THR A 152 -13.78 -0.99 1.39
N GLU A 153 -13.75 -1.50 0.17
CA GLU A 153 -12.75 -1.12 -0.80
C GLU A 153 -13.47 -0.72 -2.08
N VAL A 154 -13.00 0.33 -2.75
CA VAL A 154 -13.60 0.73 -4.02
C VAL A 154 -12.56 1.08 -5.08
N HIS A 155 -12.64 0.40 -6.21
CA HIS A 155 -11.71 0.60 -7.29
C HIS A 155 -12.55 1.05 -8.47
N PHE A 156 -12.27 2.25 -8.98
CA PHE A 156 -13.07 2.83 -10.04
C PHE A 156 -12.18 3.51 -11.08
N LYS A 157 -12.55 3.42 -12.35
CA LYS A 157 -11.82 4.16 -13.38
C LYS A 157 -12.71 5.23 -13.99
N PRO A 158 -12.30 6.49 -13.88
CA PRO A 158 -13.09 7.59 -14.46
C PRO A 158 -13.30 7.34 -15.94
N SER A 159 -14.52 7.61 -16.39
CA SER A 159 -14.90 7.40 -17.77
C SER A 159 -14.29 8.47 -18.68
N PRO A 160 -13.64 8.06 -19.77
CA PRO A 160 -13.11 9.01 -20.75
C PRO A 160 -14.24 9.73 -21.45
N GLU A 161 -15.43 9.13 -21.44
CA GLU A 161 -16.60 9.74 -22.04
C GLU A 161 -17.04 10.96 -21.23
N THR A 162 -16.55 11.08 -20.00
CA THR A 162 -16.92 12.19 -19.12
C THR A 162 -15.80 13.22 -18.88
N PHE A 163 -14.62 12.74 -18.51
CA PHE A 163 -13.50 13.62 -18.14
C PHE A 163 -12.48 13.66 -19.28
N SER A 164 -11.94 14.82 -19.56
CA SER A 164 -11.08 14.95 -20.74
C SER A 164 -9.62 14.57 -20.46
N ASN A 165 -9.01 15.15 -19.42
CA ASN A 165 -7.60 14.84 -19.18
C ASN A 165 -7.40 14.04 -17.92
N ILE A 166 -7.52 12.72 -18.05
CA ILE A 166 -7.43 11.84 -16.90
C ILE A 166 -5.99 11.68 -16.46
N HIS A 167 -5.55 12.54 -15.57
CA HIS A 167 -4.29 12.33 -14.87
C HIS A 167 -4.52 12.91 -13.48
N PHE A 168 -4.29 12.08 -12.46
CA PHE A 168 -4.45 12.50 -11.07
C PHE A 168 -3.19 13.17 -10.59
N SER A 169 -3.33 14.14 -9.69
CA SER A 169 -2.20 14.87 -9.17
C SER A 169 -1.91 14.46 -7.74
N TRP A 170 -0.71 13.93 -7.52
CA TRP A 170 -0.19 13.65 -6.18
C TRP A 170 -0.36 14.88 -5.32
N ASP A 171 0.07 16.03 -5.85
CA ASP A 171 0.04 17.29 -5.11
C ASP A 171 -1.33 17.64 -4.58
N ILE A 172 -2.34 17.58 -5.43
CA ILE A 172 -3.70 17.93 -5.04
C ILE A 172 -4.30 16.92 -4.06
N LEU A 173 -4.08 15.63 -4.32
CA LEU A 173 -4.55 14.60 -3.42
C LEU A 173 -3.82 14.73 -2.07
N ALA A 174 -2.52 14.98 -2.12
CA ALA A 174 -1.71 15.13 -0.92
C ALA A 174 -2.22 16.27 -0.03
N LYS A 175 -2.57 17.37 -0.67
CA LYS A 175 -2.95 18.56 0.06
C LYS A 175 -4.22 18.35 0.80
N ARG A 176 -5.21 17.83 0.10
CA ARG A 176 -6.49 17.68 0.73
C ARG A 176 -6.45 16.54 1.75
N ILE A 177 -5.64 15.52 1.52
CA ILE A 177 -5.52 14.45 2.50
C ILE A 177 -4.86 14.98 3.80
N ARG A 178 -3.87 15.85 3.66
CA ARG A 178 -3.21 16.42 4.82
C ARG A 178 -4.26 17.11 5.70
N GLU A 179 -5.18 17.84 5.07
CA GLU A 179 -6.25 18.51 5.79
C GLU A 179 -7.24 17.54 6.42
N LEU A 180 -7.58 16.48 5.69
CA LEU A 180 -8.49 15.49 6.25
C LEU A 180 -7.87 14.95 7.50
N SER A 181 -6.60 14.60 7.37
CA SER A 181 -5.82 14.08 8.46
C SER A 181 -5.83 15.07 9.61
N PHE A 182 -5.57 16.34 9.29
CA PHE A 182 -5.57 17.36 10.32
C PHE A 182 -6.96 17.56 11.00
N LEU A 183 -8.03 17.47 10.23
CA LEU A 183 -9.37 17.69 10.79
C LEU A 183 -10.01 16.47 11.48
N ASN A 184 -9.56 15.25 11.16
CA ASN A 184 -10.16 14.07 11.74
C ASN A 184 -9.04 13.35 12.44
N SER A 185 -8.66 13.94 13.57
CA SER A 185 -7.72 13.39 14.51
C SER A 185 -7.98 11.89 14.70
N GLY A 186 -6.94 11.08 14.70
CA GLY A 186 -7.10 9.65 14.94
C GLY A 186 -7.41 8.80 13.72
N VAL A 187 -7.61 9.45 12.57
CA VAL A 187 -7.69 8.68 11.33
C VAL A 187 -6.36 8.78 10.61
N GLY A 188 -5.76 7.62 10.29
CA GLY A 188 -4.53 7.53 9.54
C GLY A 188 -4.79 7.28 8.07
N ILE A 189 -4.35 8.17 7.18
CA ILE A 189 -4.64 8.04 5.74
C ILE A 189 -3.42 7.81 4.85
N LEU A 190 -3.37 6.65 4.20
CA LEU A 190 -2.21 6.26 3.40
C LEU A 190 -2.41 6.59 1.91
N LEU A 191 -1.49 7.38 1.36
CA LEU A 191 -1.54 7.75 -0.05
C LEU A 191 -0.37 7.13 -0.81
N ARG A 192 -0.68 6.52 -1.93
CA ARG A 192 0.29 5.71 -2.63
C ARG A 192 0.09 5.95 -4.12
N ASP A 193 1.18 6.27 -4.80
CA ASP A 193 1.18 6.50 -6.24
C ASP A 193 2.07 5.47 -6.90
N GLU A 194 1.46 4.51 -7.60
CA GLU A 194 2.21 3.43 -8.22
C GLU A 194 2.96 3.87 -9.47
N ARG A 195 2.65 5.05 -9.97
CA ARG A 195 3.34 5.60 -11.12
C ARG A 195 4.76 5.98 -10.75
N THR A 196 4.97 6.41 -9.51
CA THR A 196 6.25 6.95 -9.11
C THR A 196 6.79 6.25 -7.88
N GLY A 197 5.91 5.54 -7.19
CA GLY A 197 6.30 4.81 -5.99
C GLY A 197 6.38 5.71 -4.79
N LYS A 198 5.75 6.89 -4.88
CA LYS A 198 5.62 7.75 -3.73
C LYS A 198 4.57 7.23 -2.79
N GLU A 199 4.81 7.44 -1.51
CA GLU A 199 4.01 6.79 -0.52
C GLU A 199 4.07 7.60 0.74
N GLU A 200 2.90 7.94 1.27
CA GLU A 200 2.87 8.75 2.47
C GLU A 200 1.67 8.46 3.35
N LEU A 201 1.93 8.34 4.64
CA LEU A 201 0.88 8.10 5.61
C LEU A 201 0.67 9.37 6.39
N PHE A 202 -0.55 9.90 6.32
CA PHE A 202 -0.91 11.13 7.02
C PHE A 202 -1.75 10.80 8.25
N LYS A 203 -1.19 11.04 9.41
CA LYS A 203 -1.88 10.81 10.67
C LYS A 203 -1.52 12.01 11.50
N TYR A 204 -2.49 12.58 12.19
CA TYR A 204 -2.17 13.76 12.94
C TYR A 204 -2.07 13.45 14.41
N GLU A 205 -0.82 13.43 14.89
CA GLU A 205 -0.53 13.11 16.28
C GLU A 205 0.49 14.08 16.87
N GLY A 206 0.65 15.23 16.23
CA GLY A 206 1.51 16.28 16.75
C GLY A 206 0.91 16.91 18.00
N GLY B 2 15.94 -1.43 22.21
CA GLY B 2 14.90 -0.67 21.54
C GLY B 2 15.45 0.26 20.47
N LEU B 3 14.59 0.62 19.51
CA LEU B 3 14.98 1.39 18.35
C LEU B 3 15.28 2.84 18.71
N ASP B 4 14.85 3.22 19.91
CA ASP B 4 15.09 4.55 20.44
C ASP B 4 16.59 4.84 20.39
N ALA B 5 17.39 3.83 20.73
CA ALA B 5 18.83 3.94 20.74
C ALA B 5 19.40 4.06 19.33
N VAL B 6 18.79 3.33 18.40
CA VAL B 6 19.28 3.27 17.03
C VAL B 6 19.16 4.61 16.37
N ARG B 7 18.04 5.29 16.58
CA ARG B 7 17.84 6.60 15.98
C ARG B 7 18.76 7.66 16.58
N LYS B 8 19.21 7.42 17.81
CA LYS B 8 20.16 8.31 18.50
C LYS B 8 21.60 8.18 18.01
N ARG B 9 22.00 6.97 17.64
CA ARG B 9 23.35 6.73 17.13
C ARG B 9 23.29 5.87 15.88
N PRO B 10 22.76 6.42 14.78
CA PRO B 10 22.50 5.56 13.61
C PRO B 10 23.79 4.99 13.03
N GLY B 11 24.86 5.78 13.05
CA GLY B 11 26.12 5.38 12.42
C GLY B 11 26.70 4.14 13.09
N MET B 12 26.40 3.99 14.37
CA MET B 12 26.81 2.82 15.13
C MET B 12 26.25 1.52 14.55
N TYR B 13 25.07 1.59 13.94
CA TYR B 13 24.37 0.40 13.49
C TYR B 13 24.31 0.23 11.97
N ILE B 14 24.20 1.32 11.22
CA ILE B 14 24.02 1.16 9.78
C ILE B 14 25.31 1.52 9.04
N GLY B 15 26.13 2.36 9.65
CA GLY B 15 27.29 2.91 8.97
C GLY B 15 27.15 4.40 8.77
N ASP B 16 28.17 5.02 8.17
CA ASP B 16 28.21 6.46 7.96
C ASP B 16 26.99 6.92 7.19
N THR B 17 26.27 7.88 7.76
CA THR B 17 25.00 8.36 7.23
C THR B 17 25.13 9.56 6.28
N ASP B 18 26.37 9.97 5.98
CA ASP B 18 26.55 11.15 5.12
C ASP B 18 27.21 10.84 3.78
N ASP B 19 28.02 9.79 3.72
CA ASP B 19 28.79 9.52 2.51
C ASP B 19 28.17 8.45 1.63
N GLY B 20 26.94 8.07 1.94
CA GLY B 20 26.25 7.07 1.15
C GLY B 20 26.40 5.64 1.63
N THR B 21 27.30 5.40 2.57
CA THR B 21 27.58 4.04 3.04
C THR B 21 26.41 3.38 3.80
N GLY B 22 25.98 3.97 4.91
CA GLY B 22 24.88 3.39 5.66
C GLY B 22 23.65 3.28 4.79
N LEU B 23 23.43 4.29 3.96
CA LEU B 23 22.23 4.37 3.13
C LEU B 23 22.12 3.18 2.18
N HIS B 24 23.22 2.79 1.55
CA HIS B 24 23.16 1.64 0.63
C HIS B 24 23.14 0.31 1.42
N HIS B 25 23.79 0.31 2.57
CA HIS B 25 23.74 -0.80 3.50
C HIS B 25 22.27 -1.10 3.87
N MET B 26 21.43 -0.06 3.87
CA MET B 26 20.01 -0.22 4.15
C MET B 26 19.36 -1.20 3.20
N VAL B 27 19.74 -1.15 1.92
CA VAL B 27 19.16 -2.04 0.91
C VAL B 27 19.51 -3.53 1.16
N PHE B 28 20.78 -3.81 1.43
CA PHE B 28 21.19 -5.20 1.58
C PHE B 28 20.81 -5.80 2.91
N GLU B 29 20.50 -4.96 3.89
CA GLU B 29 19.89 -5.45 5.12
C GLU B 29 18.51 -6.03 4.85
N VAL B 30 17.74 -5.37 4.00
CA VAL B 30 16.42 -5.86 3.61
C VAL B 30 16.54 -7.08 2.73
N VAL B 31 17.33 -6.95 1.67
CA VAL B 31 17.56 -8.00 0.65
C VAL B 31 18.10 -9.28 1.25
N ASP B 32 18.93 -9.16 2.29
CA ASP B 32 19.56 -10.36 2.88
C ASP B 32 18.51 -11.36 3.39
N ASN B 33 17.37 -10.86 3.85
CA ASN B 33 16.28 -11.74 4.27
C ASN B 33 15.78 -12.60 3.12
N SER B 34 15.61 -11.98 1.94
CA SER B 34 15.20 -12.69 0.73
C SER B 34 16.24 -13.74 0.30
N ILE B 35 17.52 -13.49 0.57
CA ILE B 35 18.57 -14.43 0.22
C ILE B 35 18.44 -15.66 1.12
N ASP B 36 18.12 -15.43 2.39
CA ASP B 36 17.86 -16.53 3.32
C ASP B 36 16.78 -17.44 2.76
N GLU B 37 15.71 -16.84 2.28
CA GLU B 37 14.61 -17.60 1.72
C GLU B 37 15.02 -18.32 0.43
N ALA B 38 15.95 -17.76 -0.34
CA ALA B 38 16.48 -18.46 -1.52
C ALA B 38 17.29 -19.66 -1.07
N LEU B 39 18.14 -19.45 -0.07
CA LEU B 39 18.92 -20.55 0.47
C LEU B 39 18.00 -21.63 1.01
N ALA B 40 16.84 -21.23 1.53
CA ALA B 40 15.86 -22.22 1.98
C ALA B 40 15.27 -22.91 0.75
N GLY B 41 15.16 -22.19 -0.36
CA GLY B 41 14.80 -22.82 -1.62
C GLY B 41 13.42 -22.49 -2.10
N TYR B 42 12.84 -21.46 -1.53
CA TYR B 42 11.47 -21.12 -1.84
C TYR B 42 11.38 -19.76 -2.53
N CYS B 43 12.54 -19.16 -2.79
CA CYS B 43 12.61 -17.87 -3.48
C CYS B 43 13.60 -17.92 -4.64
N SER B 44 13.14 -17.59 -5.84
CA SER B 44 13.96 -17.61 -7.05
C SER B 44 14.10 -16.24 -7.74
N GLU B 45 13.30 -15.26 -7.34
CA GLU B 45 13.28 -13.97 -8.03
C GLU B 45 13.23 -12.82 -7.02
N ILE B 46 14.14 -11.86 -7.16
CA ILE B 46 14.14 -10.71 -6.27
C ILE B 46 14.18 -9.46 -7.12
N SER B 47 13.43 -8.45 -6.70
CA SER B 47 13.47 -7.19 -7.40
C SER B 47 13.74 -6.03 -6.44
N ILE B 48 14.62 -5.14 -6.88
CA ILE B 48 15.02 -3.95 -6.16
C ILE B 48 14.75 -2.75 -7.06
N THR B 49 13.86 -1.87 -6.61
CA THR B 49 13.42 -0.75 -7.44
C THR B 49 13.80 0.53 -6.73
N ILE B 50 14.46 1.42 -7.46
CA ILE B 50 14.79 2.74 -6.98
C ILE B 50 13.77 3.72 -7.52
N HIS B 51 13.07 4.36 -6.59
CA HIS B 51 11.99 5.27 -6.95
C HIS B 51 12.47 6.71 -7.00
N THR B 52 11.74 7.52 -7.75
CA THR B 52 12.10 8.91 -7.95
C THR B 52 12.22 9.71 -6.67
N ASP B 53 11.51 9.32 -5.60
CA ASP B 53 11.66 10.09 -4.36
C ASP B 53 12.74 9.53 -3.47
N GLU B 54 13.61 8.70 -4.05
CA GLU B 54 14.73 8.09 -3.34
C GLU B 54 14.20 7.16 -2.24
N SER B 55 13.06 6.54 -2.49
CA SER B 55 12.61 5.42 -1.67
C SER B 55 12.96 4.16 -2.44
N ILE B 56 12.89 3.02 -1.76
CA ILE B 56 13.29 1.70 -2.25
C ILE B 56 12.18 0.65 -2.06
N THR B 57 11.90 -0.14 -3.08
CA THR B 57 11.07 -1.30 -2.88
C THR B 57 11.87 -2.58 -3.13
N VAL B 58 12.01 -3.42 -2.11
CA VAL B 58 12.54 -4.79 -2.29
C VAL B 58 11.37 -5.75 -2.19
N ARG B 59 11.37 -6.73 -3.09
CA ARG B 59 10.29 -7.70 -3.20
C ARG B 59 10.84 -9.06 -3.61
N ASP B 60 10.46 -10.15 -2.93
CA ASP B 60 10.92 -11.49 -3.34
C ASP B 60 9.71 -12.36 -3.69
N ASN B 61 9.93 -13.56 -4.21
CA ASN B 61 8.77 -14.37 -4.56
C ASN B 61 8.65 -15.63 -3.70
N GLY B 62 9.08 -15.49 -2.45
CA GLY B 62 9.18 -16.62 -1.54
C GLY B 62 7.84 -17.04 -0.97
N ARG B 63 7.87 -17.67 0.21
CA ARG B 63 6.66 -18.21 0.85
C ARG B 63 5.87 -17.11 1.55
N GLY B 64 6.51 -15.96 1.75
CA GLY B 64 5.92 -14.92 2.57
C GLY B 64 6.12 -15.20 4.05
N ILE B 65 6.32 -14.13 4.83
CA ILE B 65 6.44 -14.26 6.27
C ILE B 65 5.13 -14.81 6.81
N PRO B 66 5.19 -15.87 7.64
CA PRO B 66 3.97 -16.48 8.17
C PRO B 66 3.16 -15.52 9.00
N VAL B 67 1.85 -15.51 8.83
CA VAL B 67 1.04 -14.55 9.55
C VAL B 67 0.03 -15.19 10.49
N ASP B 68 0.09 -14.79 11.76
CA ASP B 68 -0.91 -15.23 12.73
C ASP B 68 -1.62 -14.02 13.35
N ILE B 69 -2.83 -13.77 12.86
CA ILE B 69 -3.67 -12.65 13.27
C ILE B 69 -4.22 -12.85 14.69
N HIS B 70 -4.15 -14.07 15.18
CA HIS B 70 -4.75 -14.39 16.47
C HIS B 70 -3.78 -14.34 17.65
N LYS B 71 -2.60 -13.78 17.42
CA LYS B 71 -1.61 -13.67 18.48
C LYS B 71 -1.84 -12.38 19.27
N GLU B 72 -0.88 -12.04 20.13
CA GLU B 72 -0.93 -10.86 20.99
C GLU B 72 -1.95 -11.01 22.10
N VAL B 75 3.52 -10.43 20.53
CA VAL B 75 3.04 -9.82 19.29
C VAL B 75 3.29 -10.77 18.10
N SER B 76 2.61 -10.53 16.97
CA SER B 76 2.77 -11.34 15.76
C SER B 76 4.23 -11.40 15.30
N ALA B 77 4.69 -12.60 14.91
CA ALA B 77 6.06 -12.77 14.47
C ALA B 77 6.41 -11.77 13.36
N ALA B 78 5.45 -11.50 12.49
CA ALA B 78 5.61 -10.47 11.48
C ALA B 78 6.00 -9.12 12.10
N GLU B 79 5.38 -8.72 13.22
CA GLU B 79 5.79 -7.44 13.81
C GLU B 79 7.17 -7.55 14.48
N VAL B 80 7.45 -8.71 15.07
CA VAL B 80 8.73 -8.93 15.73
C VAL B 80 9.94 -8.72 14.83
N ILE B 81 10.00 -9.44 13.71
CA ILE B 81 11.18 -9.41 12.85
C ILE B 81 11.40 -8.02 12.23
N MET B 82 10.36 -7.20 12.25
CA MET B 82 10.43 -5.82 11.81
C MET B 82 11.03 -4.93 12.87
N THR B 83 11.03 -5.38 14.11
CA THR B 83 11.31 -4.47 15.23
C THR B 83 12.32 -4.99 16.24
N VAL B 84 12.56 -6.31 16.27
CA VAL B 84 13.50 -6.87 17.24
C VAL B 84 14.93 -6.42 16.91
N LEU B 85 15.68 -6.12 17.97
CA LEU B 85 17.07 -5.71 17.86
C LEU B 85 17.98 -6.47 18.82
N HIS B 86 17.43 -6.72 20.00
CA HIS B 86 18.13 -7.23 21.15
C HIS B 86 18.84 -8.55 20.89
N ASN B 94 15.19 -6.07 25.51
CA ASN B 94 14.59 -4.99 26.29
C ASN B 94 13.08 -4.89 26.07
N THR B 95 12.61 -4.97 24.83
CA THR B 95 11.16 -5.00 24.61
C THR B 95 10.64 -6.39 24.28
N TYR B 96 11.50 -7.28 23.79
CA TYR B 96 11.16 -8.70 23.63
C TYR B 96 12.04 -9.58 24.49
N LYS B 97 11.44 -10.65 25.00
CA LYS B 97 12.17 -11.61 25.82
C LYS B 97 12.75 -12.67 24.89
N VAL B 98 14.04 -12.56 24.62
CA VAL B 98 14.66 -13.41 23.63
C VAL B 98 15.92 -14.05 24.19
N SER B 99 16.15 -15.30 23.85
CA SER B 99 17.43 -15.93 24.12
C SER B 99 18.05 -16.32 22.80
N GLY B 100 19.38 -16.22 22.71
CA GLY B 100 20.09 -16.54 21.49
C GLY B 100 20.29 -15.31 20.61
N GLY B 101 21.39 -15.29 19.86
CA GLY B 101 21.68 -14.18 18.98
C GLY B 101 20.66 -13.99 17.89
N LEU B 102 20.61 -12.78 17.34
CA LEU B 102 19.68 -12.45 16.26
C LEU B 102 20.10 -13.05 14.93
N HIS B 103 21.41 -13.28 14.79
CA HIS B 103 21.99 -13.75 13.54
C HIS B 103 21.46 -12.99 12.33
N GLY B 104 21.45 -11.67 12.42
CA GLY B 104 21.26 -10.87 11.24
C GLY B 104 19.89 -10.86 10.60
N VAL B 105 18.92 -11.58 11.16
CA VAL B 105 17.57 -11.58 10.56
C VAL B 105 16.78 -10.31 10.84
N GLY B 106 15.78 -10.06 10.01
CA GLY B 106 14.93 -8.93 10.30
C GLY B 106 15.31 -7.67 9.55
N VAL B 107 14.64 -6.59 9.92
CA VAL B 107 14.79 -5.34 9.21
C VAL B 107 14.63 -4.18 10.18
N SER B 108 14.89 -4.42 11.47
CA SER B 108 14.55 -3.38 12.44
C SER B 108 15.42 -2.14 12.39
N VAL B 109 16.71 -2.29 12.12
CA VAL B 109 17.59 -1.12 11.96
C VAL B 109 17.11 -0.23 10.80
N VAL B 110 16.80 -0.83 9.66
CA VAL B 110 16.23 -0.14 8.52
C VAL B 110 14.91 0.55 8.88
N ASN B 111 14.10 -0.20 9.62
CA ASN B 111 12.81 0.27 10.08
C ASN B 111 13.00 1.54 10.92
N ALA B 112 13.90 1.47 11.91
CA ALA B 112 14.17 2.61 12.78
C ALA B 112 14.66 3.84 12.01
N LEU B 113 15.52 3.63 11.02
CA LEU B 113 16.14 4.73 10.28
C LEU B 113 15.36 5.17 9.05
N SER B 114 14.11 4.72 8.95
CA SER B 114 13.24 5.08 7.84
C SER B 114 12.12 6.03 8.25
N HIS B 115 11.87 7.02 7.39
CA HIS B 115 10.72 7.90 7.52
C HIS B 115 9.43 7.07 7.48
N GLU B 116 9.30 6.24 6.46
CA GLU B 116 8.14 5.34 6.30
C GLU B 116 8.63 3.97 5.88
N LEU B 117 8.00 2.92 6.38
CA LEU B 117 8.33 1.56 5.92
C LEU B 117 7.06 0.74 5.88
N ARG B 118 6.80 0.14 4.72
CA ARG B 118 5.65 -0.71 4.49
C ARG B 118 6.06 -2.16 4.27
N LEU B 119 5.44 -3.07 5.01
CA LEU B 119 5.59 -4.48 4.79
C LEU B 119 4.38 -5.03 4.07
N THR B 120 4.60 -5.79 3.01
CA THR B 120 3.50 -6.41 2.29
C THR B 120 3.79 -7.88 2.14
N ILE B 121 2.84 -8.70 2.61
CA ILE B 121 2.98 -10.15 2.54
C ILE B 121 1.89 -10.77 1.68
N ARG B 122 2.33 -11.61 0.75
CA ARG B 122 1.43 -12.41 -0.06
C ARG B 122 1.60 -13.88 0.33
N ARG B 123 0.57 -14.46 0.93
CA ARG B 123 0.68 -15.80 1.51
C ARG B 123 -0.69 -16.45 1.61
N HIS B 124 -0.79 -17.70 1.15
CA HIS B 124 -2.02 -18.47 1.19
C HIS B 124 -3.17 -17.65 0.60
N ASN B 125 -2.88 -16.96 -0.49
CA ASN B 125 -3.85 -16.20 -1.27
C ASN B 125 -4.46 -14.98 -0.58
N LYS B 126 -3.83 -14.52 0.49
CA LYS B 126 -4.30 -13.30 1.11
C LYS B 126 -3.20 -12.24 1.14
N VAL B 127 -3.63 -10.98 1.16
CA VAL B 127 -2.71 -9.86 1.25
C VAL B 127 -2.80 -9.17 2.59
N TRP B 128 -1.64 -9.03 3.23
CA TRP B 128 -1.54 -8.35 4.52
C TRP B 128 -0.60 -7.18 4.32
N GLU B 129 -0.86 -6.07 5.01
CA GLU B 129 0.18 -5.06 5.05
C GLU B 129 0.24 -4.47 6.45
N GLN B 130 1.33 -3.75 6.68
CA GLN B 130 1.57 -3.00 7.89
C GLN B 130 2.52 -1.86 7.54
N VAL B 131 2.33 -0.71 8.18
CA VAL B 131 3.12 0.49 7.92
C VAL B 131 3.82 1.04 9.17
N TYR B 132 5.06 1.46 9.02
CA TYR B 132 5.82 2.03 10.12
C TYR B 132 6.28 3.44 9.85
N HIS B 133 6.49 4.19 10.93
CA HIS B 133 7.08 5.51 10.91
C HIS B 133 8.21 5.44 11.93
N HIS B 134 9.45 5.66 11.48
CA HIS B 134 10.61 5.56 12.37
C HIS B 134 10.62 4.30 13.24
N GLY B 135 10.20 3.18 12.66
CA GLY B 135 10.22 1.92 13.37
C GLY B 135 9.03 1.72 14.30
N VAL B 136 8.10 2.66 14.32
CA VAL B 136 6.92 2.55 15.18
C VAL B 136 5.67 2.26 14.36
N PRO B 137 4.98 1.14 14.66
CA PRO B 137 3.77 0.72 13.94
C PRO B 137 2.70 1.82 13.93
N GLN B 138 2.13 2.12 12.77
CA GLN B 138 1.10 3.16 12.69
C GLN B 138 -0.30 2.58 12.72
N PHE B 139 -0.38 1.30 12.38
CA PHE B 139 -1.60 0.51 12.57
C PHE B 139 -1.17 -0.96 12.58
N PRO B 140 -1.96 -1.82 13.23
CA PRO B 140 -1.59 -3.24 13.29
C PRO B 140 -1.65 -3.95 11.93
N LEU B 141 -0.99 -5.11 11.87
CA LEU B 141 -0.99 -5.94 10.68
C LEU B 141 -2.43 -6.28 10.27
N ARG B 142 -2.82 -5.87 9.06
CA ARG B 142 -4.20 -6.04 8.61
C ARG B 142 -4.25 -6.76 7.27
N GLU B 143 -5.34 -7.49 7.04
CA GLU B 143 -5.58 -8.13 5.75
C GLU B 143 -6.32 -7.16 4.83
N VAL B 144 -5.80 -6.94 3.63
CA VAL B 144 -6.35 -5.90 2.76
C VAL B 144 -6.65 -6.36 1.34
N GLY B 145 -6.59 -7.66 1.07
CA GLY B 145 -6.87 -8.14 -0.26
C GLY B 145 -6.55 -9.60 -0.51
N GLU B 146 -6.86 -10.06 -1.71
CA GLU B 146 -6.61 -11.43 -2.12
C GLU B 146 -5.49 -11.44 -3.18
N THR B 147 -4.81 -12.57 -3.33
CA THR B 147 -3.77 -12.68 -4.36
C THR B 147 -3.62 -14.12 -4.81
N ASP B 148 -3.00 -14.32 -5.95
CA ASP B 148 -2.71 -15.67 -6.40
C ASP B 148 -1.21 -15.93 -6.38
N GLY B 149 -0.45 -14.87 -6.13
CA GLY B 149 0.99 -14.98 -6.02
C GLY B 149 1.39 -15.12 -4.55
N SER B 150 2.69 -15.24 -4.30
CA SER B 150 3.18 -15.20 -2.93
C SER B 150 4.53 -14.52 -2.87
N GLY B 151 4.92 -14.10 -1.67
CA GLY B 151 6.16 -13.41 -1.47
C GLY B 151 6.05 -12.24 -0.51
N THR B 152 7.19 -11.58 -0.28
CA THR B 152 7.30 -10.49 0.67
C THR B 152 7.76 -9.22 -0.03
N GLU B 153 7.19 -8.10 0.37
CA GLU B 153 7.58 -6.81 -0.17
C GLU B 153 7.88 -5.84 0.97
N VAL B 154 8.88 -4.98 0.78
CA VAL B 154 9.19 -3.95 1.74
C VAL B 154 9.48 -2.64 0.99
N HIS B 155 8.75 -1.58 1.34
CA HIS B 155 8.95 -0.28 0.74
C HIS B 155 9.44 0.63 1.86
N PHE B 156 10.58 1.28 1.67
CA PHE B 156 11.06 2.13 2.74
C PHE B 156 11.71 3.38 2.21
N LYS B 157 11.44 4.50 2.87
CA LYS B 157 12.09 5.74 2.55
C LYS B 157 12.99 6.14 3.72
N PRO B 158 14.30 6.18 3.48
CA PRO B 158 15.30 6.51 4.50
C PRO B 158 15.00 7.87 5.10
N SER B 159 15.16 8.01 6.41
CA SER B 159 14.83 9.27 7.06
C SER B 159 15.82 10.34 6.66
N PRO B 160 15.32 11.52 6.23
CA PRO B 160 16.12 12.71 5.90
C PRO B 160 16.72 13.33 7.16
N GLU B 161 16.11 13.08 8.31
CA GLU B 161 16.63 13.53 9.60
C GLU B 161 17.87 12.71 9.97
N THR B 162 18.04 11.58 9.31
CA THR B 162 19.11 10.67 9.62
C THR B 162 20.26 10.79 8.62
N PHE B 163 19.93 10.67 7.35
CA PHE B 163 20.96 10.66 6.31
C PHE B 163 21.02 12.03 5.61
N SER B 164 22.22 12.51 5.33
CA SER B 164 22.34 13.86 4.76
C SER B 164 22.28 13.87 3.23
N ASN B 165 23.02 13.00 2.56
CA ASN B 165 22.98 13.06 1.10
C ASN B 165 22.28 11.84 0.53
N ILE B 166 20.96 11.94 0.47
CA ILE B 166 20.12 10.86 0.04
C ILE B 166 20.17 10.74 -1.47
N HIS B 167 21.03 9.87 -1.96
CA HIS B 167 20.94 9.51 -3.36
C HIS B 167 21.44 8.08 -3.52
N PHE B 168 20.65 7.20 -4.12
CA PHE B 168 21.13 5.85 -4.41
C PHE B 168 21.84 5.87 -5.74
N SER B 169 22.89 5.06 -5.83
CA SER B 169 23.70 5.00 -7.01
C SER B 169 23.41 3.72 -7.78
N TRP B 170 22.95 3.90 -9.00
CA TRP B 170 22.83 2.81 -9.94
C TRP B 170 24.13 2.00 -10.02
N ASP B 171 25.23 2.69 -10.27
CA ASP B 171 26.53 2.05 -10.44
C ASP B 171 26.92 1.19 -9.25
N ILE B 172 26.74 1.72 -8.05
CA ILE B 172 27.11 0.98 -6.86
C ILE B 172 26.16 -0.21 -6.60
N LEU B 173 24.86 0.01 -6.75
CA LEU B 173 23.91 -1.10 -6.58
C LEU B 173 24.06 -2.16 -7.64
N ALA B 174 24.30 -1.75 -8.90
CA ALA B 174 24.54 -2.70 -9.99
C ALA B 174 25.69 -3.61 -9.62
N LYS B 175 26.74 -3.00 -9.08
CA LYS B 175 27.96 -3.73 -8.75
C LYS B 175 27.76 -4.72 -7.61
N ARG B 176 27.13 -4.27 -6.53
CA ARG B 176 26.94 -5.14 -5.38
C ARG B 176 25.93 -6.23 -5.67
N ILE B 177 24.91 -5.93 -6.48
CA ILE B 177 23.96 -6.97 -6.86
C ILE B 177 24.63 -8.01 -7.73
N ARG B 178 25.52 -7.54 -8.63
CA ARG B 178 26.26 -8.44 -9.48
C ARG B 178 27.06 -9.45 -8.64
N GLU B 179 27.69 -8.97 -7.58
CA GLU B 179 28.39 -9.84 -6.68
C GLU B 179 27.40 -10.76 -5.94
N LEU B 180 26.26 -10.19 -5.53
CA LEU B 180 25.22 -10.95 -4.82
C LEU B 180 24.83 -12.17 -5.67
N SER B 181 24.63 -11.94 -6.97
CA SER B 181 24.26 -12.97 -7.92
C SER B 181 25.30 -14.12 -8.01
N PHE B 182 26.58 -13.75 -8.09
CA PHE B 182 27.65 -14.76 -8.15
C PHE B 182 27.61 -15.58 -6.86
N LEU B 183 27.16 -14.95 -5.79
CA LEU B 183 27.10 -15.57 -4.47
C LEU B 183 25.88 -16.47 -4.29
N ASN B 184 24.84 -16.26 -5.07
CA ASN B 184 23.64 -17.06 -4.91
C ASN B 184 23.13 -17.57 -6.25
N SER B 185 23.82 -18.59 -6.74
CA SER B 185 23.46 -19.29 -7.96
C SER B 185 21.96 -19.60 -8.08
N GLY B 186 21.41 -19.31 -9.27
CA GLY B 186 20.04 -19.64 -9.57
C GLY B 186 19.02 -18.61 -9.14
N VAL B 187 19.46 -17.59 -8.42
CA VAL B 187 18.55 -16.52 -8.02
C VAL B 187 18.65 -15.35 -9.00
N GLY B 188 17.51 -14.96 -9.56
CA GLY B 188 17.46 -13.83 -10.47
C GLY B 188 17.11 -12.54 -9.77
N ILE B 189 18.02 -11.57 -9.82
CA ILE B 189 17.83 -10.31 -9.10
C ILE B 189 17.68 -9.15 -10.07
N LEU B 190 16.50 -8.55 -10.04
CA LEU B 190 16.17 -7.48 -10.96
C LEU B 190 16.39 -6.12 -10.31
N LEU B 191 17.19 -5.29 -10.95
CA LEU B 191 17.43 -3.93 -10.47
C LEU B 191 16.82 -2.97 -11.44
N ARG B 192 16.11 -1.99 -10.88
CA ARG B 192 15.31 -1.06 -11.65
C ARG B 192 15.50 0.34 -11.09
N ASP B 193 15.83 1.29 -11.96
CA ASP B 193 15.97 2.68 -11.57
C ASP B 193 14.88 3.45 -12.29
N GLU B 194 13.84 3.83 -11.55
CA GLU B 194 12.74 4.55 -12.18
C GLU B 194 13.08 6.01 -12.46
N ARG B 195 14.22 6.46 -11.95
CA ARG B 195 14.69 7.82 -12.22
C ARG B 195 15.14 7.91 -13.67
N THR B 196 15.62 6.79 -14.21
CA THR B 196 16.18 6.76 -15.56
C THR B 196 15.49 5.73 -16.44
N GLY B 197 14.76 4.80 -15.83
CA GLY B 197 14.06 3.78 -16.61
C GLY B 197 15.02 2.71 -17.05
N LYS B 198 16.17 2.67 -16.38
CA LYS B 198 17.15 1.63 -16.58
C LYS B 198 16.71 0.36 -15.81
N GLU B 199 17.10 -0.80 -16.33
CA GLU B 199 16.63 -2.06 -15.80
C GLU B 199 17.56 -3.20 -16.19
N GLU B 200 17.98 -3.99 -15.21
CA GLU B 200 18.91 -5.08 -15.48
C GLU B 200 18.73 -6.27 -14.53
N LEU B 201 18.72 -7.46 -15.13
CA LEU B 201 18.55 -8.70 -14.41
C LEU B 201 19.90 -9.39 -14.24
N PHE B 202 20.32 -9.60 -12.99
CA PHE B 202 21.58 -10.31 -12.73
C PHE B 202 21.35 -11.75 -12.29
N LYS B 203 21.83 -12.69 -13.11
CA LYS B 203 21.70 -14.09 -12.72
C LYS B 203 22.95 -14.88 -13.01
N TYR B 204 23.36 -15.69 -12.04
CA TYR B 204 24.47 -16.61 -12.19
C TYR B 204 23.95 -18.05 -12.03
N GLU B 205 24.25 -18.91 -13.00
CA GLU B 205 23.70 -20.26 -13.03
C GLU B 205 24.75 -21.36 -13.16
N GLY B 206 25.99 -21.07 -12.77
CA GLY B 206 27.00 -22.12 -12.75
C GLY B 206 27.72 -22.19 -14.07
N LEU B 207 28.43 -23.29 -14.33
CA LEU B 207 29.21 -23.37 -15.56
C LEU B 207 28.57 -24.27 -16.61
C01 EZ9 C . -13.73 3.08 0.37
C02 EZ9 C . -15.22 3.47 0.23
N03 EZ9 C . -15.92 3.24 1.49
C04 EZ9 C . -17.28 3.31 1.66
C05 EZ9 C . -18.07 3.82 0.64
C06 EZ9 C . -19.45 3.89 0.83
C07 EZ9 C . -20.08 3.51 2.00
C08 EZ9 C . -19.30 2.99 3.03
C09 EZ9 C . -17.89 2.91 2.86
N10 EZ9 C . -17.33 2.37 4.01
C11 EZ9 C . -18.37 2.14 4.90
C12 EZ9 C . -19.63 2.51 4.34
C13 EZ9 C . -20.79 2.32 5.14
C14 EZ9 C . -20.71 1.79 6.42
C15 EZ9 C . -19.37 1.44 6.85
N16 EZ9 C . -18.24 1.60 6.18
C17 EZ9 C . -21.84 1.57 7.32
C18 EZ9 C . -22.77 2.56 7.74
N19 EZ9 C . -23.82 2.38 8.59
C20 EZ9 C . -23.98 1.10 9.10
N21 EZ9 C . -23.14 0.11 8.78
C22 EZ9 C . -22.13 0.36 7.93
O23 EZ9 C . -25.01 0.87 9.93
C24 EZ9 C . -25.85 1.89 10.45
C25 EZ9 C . -26.15 1.65 11.97
C26 EZ9 C . -26.11 0.13 12.27
C27 EZ9 C . -27.55 2.05 12.31
C28 EZ9 C . -25.07 2.39 12.85
O29 EZ9 C . -24.64 3.44 12.33
O30 EZ9 C . -24.72 1.89 13.95
N31 EZ9 C . -22.09 2.67 4.67
C32 EZ9 C . -22.46 3.95 4.26
C33 EZ9 C . -23.84 3.89 3.95
C34 EZ9 C . -24.20 2.55 4.26
N35 EZ9 C . -23.15 1.83 4.70
C36 EZ9 C . -25.58 2.02 4.06
F37 EZ9 C . -25.67 1.11 3.06
F38 EZ9 C . -26.54 2.96 3.75
F39 EZ9 C . -26.10 1.40 5.15
F40 EZ9 C . -20.20 4.39 -0.19
S SO4 D . -25.89 -7.30 6.81
O1 SO4 D . -26.49 -8.61 6.58
O2 SO4 D . -24.60 -7.28 6.11
O3 SO4 D . -26.77 -6.24 6.30
O4 SO4 D . -25.69 -7.09 8.25
CL CL E . 11.93 11.98 8.97
CL CL F . 24.56 6.97 -10.30
CL CL G . 26.23 8.49 14.42
C01 EZ9 H . 11.70 -8.02 0.61
C02 EZ9 H . 12.05 -8.26 2.08
N03 EZ9 H . 11.69 -9.65 2.41
C04 EZ9 H . 11.68 -10.24 3.70
C05 EZ9 H . 12.02 -9.48 4.82
C06 EZ9 H . 12.01 -10.11 6.08
C07 EZ9 H . 11.68 -11.45 6.29
C08 EZ9 H . 11.32 -12.22 5.16
C09 EZ9 H . 11.33 -11.61 3.90
N10 EZ9 H . 10.94 -12.57 2.95
C11 EZ9 H . 10.71 -13.75 3.60
C12 EZ9 H . 10.92 -13.61 4.99
C13 EZ9 H . 10.73 -14.76 5.81
C14 EZ9 H . 10.30 -15.96 5.27
C15 EZ9 H . 10.14 -15.97 3.85
N16 EZ9 H . 10.32 -14.92 3.00
C17 EZ9 H . 10.06 -17.18 6.01
C18 EZ9 H . 10.97 -17.75 6.94
N19 EZ9 H . 10.82 -18.88 7.62
C20 EZ9 H . 9.63 -19.58 7.43
N21 EZ9 H . 8.64 -19.13 6.57
C22 EZ9 H . 8.89 -17.98 5.91
O23 EZ9 H . 9.54 -20.69 8.15
C24 EZ9 H . 10.56 -20.99 9.13
C25 EZ9 H . 10.85 -22.53 9.25
C26 EZ9 H . 9.62 -23.16 9.93
C27 EZ9 H . 12.06 -22.74 10.19
C28 EZ9 H . 11.02 -23.24 7.83
O29 EZ9 H . 10.51 -24.38 7.74
O30 EZ9 H . 11.64 -22.65 6.89
N31 EZ9 H . 10.90 -14.66 7.20
C32 EZ9 H . 12.16 -14.48 7.87
C33 EZ9 H . 11.84 -14.47 9.26
C34 EZ9 H . 10.42 -14.65 9.29
N35 EZ9 H . 9.89 -14.78 8.05
C36 EZ9 H . 9.62 -14.72 10.53
F37 EZ9 H . 8.78 -13.69 10.73
F38 EZ9 H . 10.31 -14.80 11.70
F39 EZ9 H . 8.82 -15.79 10.52
F40 EZ9 H . 12.36 -9.37 7.15
#